data_5L80
#
_entry.id   5L80
#
_cell.length_a   79.540
_cell.length_b   66.590
_cell.length_c   81.330
_cell.angle_alpha   90.00
_cell.angle_beta   113.64
_cell.angle_gamma   90.00
#
_symmetry.space_group_name_H-M   'P 1 21 1'
#
loop_
_entity.id
_entity.type
_entity.pdbx_description
1 polymer 'Maternal protein exuperantia,Maternal protein exuperantia'
2 water water
#
_entity_poly.entity_id   1
_entity_poly.type   'polypeptide(L)'
_entity_poly.pdbx_seq_one_letter_code
;MVADNIDAGVAIAVADQSSSPVGDKVELPAGNYILVGVDIDTTGRRLMDEIVQLAAYTPTDHFEQYIMPYMNLNPAARQR
HQVRVISIGFYRMLKSMQTYKIIKSKSEIAALKDFLNWLEQLKTKAGPSSDGIVLIYHEERKFIPYMILESLKKYGLLER
FTASVKSFANSINLAKASIGDANIKNYSLRKLSKILSLDADSLFDGNASVRAKLAFDVALQLSNSDGKPEPKSSEALENM
FNAIRPFAKLVVSDVLELDIQIENLERQNSFRPVFLNYFKTTLYHRVRAVKFRIVLAENGFDLNTLSAIWAEKNIEGLDI
ALQSIGRLKSKDKAELLELLDSYFDPKKTTVKP
;
_entity_poly.pdbx_strand_id   A,B
#
# COMPACT_ATOMS: atom_id res chain seq x y z
N VAL A 26 -16.57 -32.17 -6.09
CA VAL A 26 -17.75 -31.31 -6.03
C VAL A 26 -18.04 -30.93 -4.57
N GLU A 27 -17.64 -29.71 -4.20
CA GLU A 27 -17.75 -29.26 -2.82
C GLU A 27 -18.73 -28.08 -2.66
N LEU A 28 -19.20 -27.54 -3.78
CA LEU A 28 -20.18 -26.46 -3.73
C LEU A 28 -21.59 -27.03 -3.54
N PRO A 29 -22.24 -26.70 -2.41
CA PRO A 29 -23.61 -27.22 -2.19
C PRO A 29 -24.63 -26.55 -3.10
N ALA A 30 -25.69 -27.28 -3.45
CA ALA A 30 -26.72 -26.76 -4.35
C ALA A 30 -27.41 -25.54 -3.74
N GLY A 31 -27.78 -24.59 -4.60
CA GLY A 31 -28.48 -23.41 -4.14
C GLY A 31 -28.81 -22.43 -5.26
N ASN A 32 -29.23 -21.24 -4.86
CA ASN A 32 -29.60 -20.17 -5.80
C ASN A 32 -28.47 -19.14 -5.94
N TYR A 33 -27.43 -19.51 -6.70
CA TYR A 33 -26.23 -18.68 -6.80
C TYR A 33 -26.23 -17.72 -7.98
N ILE A 34 -25.63 -16.55 -7.75
CA ILE A 34 -25.42 -15.56 -8.81
C ILE A 34 -24.05 -15.78 -9.43
N LEU A 35 -24.02 -15.84 -10.76
CA LEU A 35 -22.76 -16.06 -11.48
C LEU A 35 -22.17 -14.73 -11.95
N VAL A 36 -20.95 -14.46 -11.48
CA VAL A 36 -20.24 -13.23 -11.82
C VAL A 36 -18.87 -13.56 -12.38
N GLY A 37 -18.64 -13.20 -13.63
CA GLY A 37 -17.32 -13.34 -14.22
C GLY A 37 -16.36 -12.37 -13.55
N VAL A 38 -15.11 -12.76 -13.42
CA VAL A 38 -14.13 -11.90 -12.75
C VAL A 38 -12.71 -12.10 -13.31
N ASP A 39 -11.97 -10.99 -13.38
CA ASP A 39 -10.57 -11.02 -13.81
C ASP A 39 -9.84 -9.79 -13.28
N ILE A 40 -8.51 -9.83 -13.36
CA ILE A 40 -7.69 -8.72 -12.86
C ILE A 40 -6.48 -8.43 -13.75
N ASP A 41 -6.11 -7.14 -13.78
CA ASP A 41 -4.86 -6.69 -14.39
C ASP A 41 -3.81 -6.51 -13.29
N THR A 42 -2.57 -6.85 -13.60
CA THR A 42 -1.52 -6.85 -12.59
C THR A 42 -0.19 -6.30 -13.10
N THR A 43 0.71 -6.03 -12.17
CA THR A 43 2.06 -5.55 -12.49
C THR A 43 2.96 -6.73 -12.84
N GLY A 44 2.51 -7.94 -12.55
CA GLY A 44 3.26 -9.15 -12.84
C GLY A 44 2.45 -10.40 -12.61
N ARG A 45 3.07 -11.56 -12.80
CA ARG A 45 2.38 -12.85 -12.68
C ARG A 45 2.77 -13.62 -11.40
N ARG A 46 3.42 -12.94 -10.47
CA ARG A 46 3.78 -13.55 -9.19
C ARG A 46 2.86 -13.03 -8.09
N LEU A 47 2.70 -13.82 -7.03
CA LEU A 47 1.73 -13.51 -5.98
C LEU A 47 2.10 -12.26 -5.17
N MET A 48 3.37 -11.86 -5.22
CA MET A 48 3.81 -10.68 -4.49
C MET A 48 3.56 -9.40 -5.29
N ASP A 49 3.02 -9.55 -6.50
CA ASP A 49 2.75 -8.40 -7.36
C ASP A 49 1.45 -7.72 -6.93
N GLU A 50 1.03 -6.73 -7.70
CA GLU A 50 -0.14 -5.91 -7.32
C GLU A 50 -1.24 -5.94 -8.38
N ILE A 51 -2.47 -5.69 -7.93
CA ILE A 51 -3.61 -5.59 -8.81
C ILE A 51 -3.74 -4.16 -9.31
N VAL A 52 -3.72 -3.99 -10.63
CA VAL A 52 -3.83 -2.69 -11.26
C VAL A 52 -5.29 -2.40 -11.60
N GLN A 53 -6.02 -3.43 -12.00
CA GLN A 53 -7.46 -3.30 -12.21
C GLN A 53 -8.20 -4.54 -11.76
N LEU A 54 -9.39 -4.30 -11.21
CA LEU A 54 -10.31 -5.33 -10.76
C LEU A 54 -11.57 -5.21 -11.56
N ALA A 55 -12.04 -6.32 -12.14
CA ALA A 55 -13.21 -6.30 -13.01
C ALA A 55 -14.17 -7.46 -12.75
N ALA A 56 -15.45 -7.16 -12.75
CA ALA A 56 -16.50 -8.14 -12.51
C ALA A 56 -17.68 -7.90 -13.45
N TYR A 57 -18.26 -8.97 -13.98
CA TYR A 57 -19.31 -8.85 -14.99
C TYR A 57 -20.53 -9.75 -14.78
N THR A 58 -21.71 -9.15 -14.97
CA THR A 58 -22.94 -9.89 -15.22
C THR A 58 -23.67 -9.18 -16.36
N PRO A 59 -24.61 -9.89 -17.03
CA PRO A 59 -25.33 -9.29 -18.16
C PRO A 59 -26.08 -8.00 -17.78
N THR A 60 -26.48 -7.91 -16.51
CA THR A 60 -27.29 -6.80 -16.03
C THR A 60 -26.46 -5.69 -15.40
N ASP A 61 -25.31 -6.08 -14.84
CA ASP A 61 -24.50 -5.16 -14.03
C ASP A 61 -23.02 -5.51 -14.13
N HIS A 62 -22.16 -4.50 -14.08
CA HIS A 62 -20.71 -4.72 -14.15
C HIS A 62 -19.94 -3.75 -13.25
N PHE A 63 -18.73 -4.16 -12.91
CA PHE A 63 -17.87 -3.40 -12.01
C PHE A 63 -16.44 -3.39 -12.53
N GLU A 64 -15.83 -2.22 -12.57
CA GLU A 64 -14.41 -2.13 -12.87
C GLU A 64 -13.78 -0.93 -12.17
N GLN A 65 -12.57 -1.13 -11.66
CA GLN A 65 -11.86 -0.07 -10.97
C GLN A 65 -10.35 -0.23 -11.11
N TYR A 66 -9.69 0.79 -11.63
CA TYR A 66 -8.24 0.81 -11.69
C TYR A 66 -7.65 1.14 -10.32
N ILE A 67 -6.49 0.56 -10.04
CA ILE A 67 -5.83 0.68 -8.75
C ILE A 67 -4.39 1.09 -8.95
N MET A 68 -3.99 2.18 -8.29
CA MET A 68 -2.61 2.63 -8.31
C MET A 68 -1.71 1.62 -7.60
N PRO A 69 -0.66 1.13 -8.27
CA PRO A 69 0.30 0.27 -7.58
C PRO A 69 1.40 1.08 -6.91
N TYR A 70 2.07 0.50 -5.91
CA TYR A 70 3.16 1.18 -5.23
C TYR A 70 4.43 1.08 -6.07
N MET A 71 4.67 -0.11 -6.62
CA MET A 71 5.73 -0.29 -7.61
C MET A 71 5.16 0.05 -8.98
N ASN A 72 5.96 -0.19 -10.02
CA ASN A 72 5.54 0.06 -11.38
C ASN A 72 5.15 -1.24 -12.07
N LEU A 73 4.95 -1.20 -13.38
CA LEU A 73 4.62 -2.38 -14.17
C LEU A 73 5.84 -2.81 -14.97
N ASN A 74 6.14 -4.11 -14.96
CA ASN A 74 7.22 -4.63 -15.79
C ASN A 74 6.84 -4.50 -17.26
N PRO A 75 7.82 -4.53 -18.18
CA PRO A 75 7.53 -4.40 -19.61
C PRO A 75 6.46 -5.36 -20.11
N ALA A 76 6.41 -6.55 -19.51
CA ALA A 76 5.41 -7.55 -19.89
C ALA A 76 4.01 -7.06 -19.53
N ALA A 77 3.88 -6.48 -18.33
CA ALA A 77 2.59 -5.97 -17.88
C ALA A 77 2.13 -4.79 -18.73
N ARG A 78 3.05 -3.89 -19.05
CA ARG A 78 2.73 -2.75 -19.91
C ARG A 78 2.29 -3.23 -21.27
N GLN A 79 3.02 -4.22 -21.80
CA GLN A 79 2.69 -4.81 -23.08
C GLN A 79 1.30 -5.44 -23.06
N ARG A 80 1.04 -6.25 -22.05
CA ARG A 80 -0.20 -7.03 -21.97
C ARG A 80 -1.44 -6.16 -21.77
N HIS A 81 -1.34 -5.17 -20.89
CA HIS A 81 -2.51 -4.39 -20.49
C HIS A 81 -2.56 -3.00 -21.14
N GLN A 82 -1.44 -2.60 -21.75
CA GLN A 82 -1.35 -1.29 -22.39
C GLN A 82 -1.65 -0.17 -21.39
N VAL A 83 -1.15 -0.37 -20.18
CA VAL A 83 -1.24 0.61 -19.11
C VAL A 83 0.16 0.74 -18.53
N ARG A 84 0.54 1.94 -18.13
CA ARG A 84 1.83 2.14 -17.47
C ARG A 84 1.77 3.25 -16.45
N VAL A 85 2.78 3.30 -15.59
CA VAL A 85 2.93 4.39 -14.64
C VAL A 85 3.89 5.44 -15.24
N ILE A 86 3.52 6.71 -15.09
CA ILE A 86 4.42 7.82 -15.38
C ILE A 86 4.60 8.72 -14.16
N SER A 87 5.54 9.65 -14.24
CA SER A 87 5.77 10.63 -13.19
C SER A 87 5.69 12.05 -13.73
N ILE A 88 4.55 12.70 -13.52
CA ILE A 88 4.42 14.13 -13.80
C ILE A 88 4.86 14.90 -12.57
N GLY A 89 6.04 15.51 -12.65
CA GLY A 89 6.64 16.13 -11.48
C GLY A 89 7.13 15.03 -10.56
N PHE A 90 6.55 14.95 -9.37
CA PHE A 90 6.89 13.91 -8.40
C PHE A 90 5.69 13.02 -8.10
N TYR A 91 4.52 13.39 -8.61
CA TYR A 91 3.34 12.54 -8.51
C TYR A 91 3.41 11.40 -9.51
N ARG A 92 3.02 10.20 -9.07
CA ARG A 92 2.89 9.06 -9.95
C ARG A 92 1.42 8.82 -10.27
N MET A 93 1.14 8.33 -11.47
CA MET A 93 -0.24 8.04 -11.87
C MET A 93 -0.27 7.12 -13.07
N LEU A 94 -1.42 6.45 -13.27
CA LEU A 94 -1.58 5.53 -14.39
C LEU A 94 -1.88 6.26 -15.68
N LYS A 95 -1.46 5.66 -16.79
CA LYS A 95 -1.65 6.22 -18.12
C LYS A 95 -1.98 5.12 -19.12
N SER A 96 -2.91 5.42 -20.03
CA SER A 96 -3.28 4.50 -21.09
C SER A 96 -2.32 4.59 -22.26
N MET A 97 -1.78 3.45 -22.66
CA MET A 97 -0.87 3.38 -23.79
C MET A 97 -1.64 3.30 -25.11
N GLN A 98 -2.96 3.32 -25.03
CA GLN A 98 -3.82 3.35 -26.20
C GLN A 98 -4.31 4.77 -26.47
N THR A 99 -4.82 5.41 -25.43
CA THR A 99 -5.43 6.74 -25.54
C THR A 99 -4.48 7.84 -25.10
N TYR A 100 -3.43 7.47 -24.37
CA TYR A 100 -2.41 8.43 -23.92
C TYR A 100 -3.00 9.43 -22.93
N LYS A 101 -4.14 9.07 -22.34
CA LYS A 101 -4.79 9.91 -21.34
C LYS A 101 -4.56 9.31 -19.97
N ILE A 102 -4.57 10.16 -18.95
CA ILE A 102 -4.42 9.68 -17.58
C ILE A 102 -5.62 8.82 -17.19
N ILE A 103 -5.34 7.67 -16.59
CA ILE A 103 -6.37 6.79 -16.06
C ILE A 103 -6.61 7.10 -14.60
N LYS A 104 -7.78 7.64 -14.28
CA LYS A 104 -8.15 7.91 -12.89
C LYS A 104 -8.19 6.59 -12.12
N SER A 105 -7.62 6.58 -10.93
CA SER A 105 -7.50 5.36 -10.13
C SER A 105 -7.77 5.62 -8.65
N LYS A 106 -7.74 4.54 -7.88
CA LYS A 106 -8.00 4.60 -6.44
C LYS A 106 -6.96 3.78 -5.68
N SER A 107 -7.02 3.86 -4.36
CA SER A 107 -6.27 2.96 -3.51
C SER A 107 -6.89 1.57 -3.60
N GLU A 108 -6.12 0.54 -3.24
CA GLU A 108 -6.59 -0.84 -3.31
C GLU A 108 -7.72 -1.06 -2.31
N ILE A 109 -7.52 -0.57 -1.10
CA ILE A 109 -8.50 -0.70 -0.03
C ILE A 109 -9.82 -0.02 -0.39
N ALA A 110 -9.74 1.07 -1.14
CA ALA A 110 -10.93 1.79 -1.56
C ALA A 110 -11.63 1.05 -2.71
N ALA A 111 -10.83 0.46 -3.58
CA ALA A 111 -11.37 -0.28 -4.72
C ALA A 111 -12.06 -1.55 -4.24
N LEU A 112 -11.55 -2.12 -3.14
CA LEU A 112 -12.11 -3.34 -2.59
C LEU A 112 -13.40 -3.03 -1.83
N LYS A 113 -13.43 -1.91 -1.12
CA LYS A 113 -14.64 -1.48 -0.46
C LYS A 113 -15.72 -1.18 -1.49
N ASP A 114 -15.30 -0.77 -2.68
CA ASP A 114 -16.23 -0.56 -3.78
C ASP A 114 -16.71 -1.89 -4.31
N PHE A 115 -15.80 -2.86 -4.38
CA PHE A 115 -16.11 -4.20 -4.85
C PHE A 115 -17.15 -4.87 -3.96
N LEU A 116 -16.86 -4.93 -2.66
CA LEU A 116 -17.76 -5.55 -1.69
C LEU A 116 -19.15 -4.93 -1.73
N ASN A 117 -19.23 -3.61 -1.80
CA ASN A 117 -20.51 -2.93 -1.91
C ASN A 117 -21.26 -3.38 -3.15
N TRP A 118 -20.52 -3.58 -4.24
CA TRP A 118 -21.12 -4.02 -5.49
C TRP A 118 -21.61 -5.45 -5.36
N LEU A 119 -20.80 -6.29 -4.73
CA LEU A 119 -21.17 -7.68 -4.52
C LEU A 119 -22.35 -7.81 -3.56
N GLU A 120 -22.47 -6.87 -2.63
CA GLU A 120 -23.51 -6.93 -1.62
C GLU A 120 -24.87 -6.47 -2.16
N GLN A 121 -24.87 -5.42 -2.97
CA GLN A 121 -26.11 -4.92 -3.56
C GLN A 121 -26.57 -5.86 -4.66
N LEU A 122 -25.62 -6.64 -5.19
CA LEU A 122 -25.93 -7.66 -6.17
C LEU A 122 -26.70 -8.80 -5.52
N LYS A 123 -26.24 -9.21 -4.34
CA LYS A 123 -26.86 -10.29 -3.58
C LYS A 123 -28.23 -9.86 -3.06
N THR A 124 -28.36 -8.58 -2.70
CA THR A 124 -29.63 -8.06 -2.18
C THR A 124 -30.71 -8.11 -3.24
N LYS A 125 -30.34 -7.78 -4.47
CA LYS A 125 -31.32 -7.70 -5.56
C LYS A 125 -31.83 -9.09 -5.99
N ALA A 126 -31.18 -10.13 -5.49
CA ALA A 126 -31.61 -11.50 -5.81
C ALA A 126 -32.59 -12.03 -4.76
N GLY A 127 -32.88 -11.21 -3.76
CA GLY A 127 -33.81 -11.56 -2.71
C GLY A 127 -33.17 -12.43 -1.64
N PRO A 128 -33.90 -12.68 -0.55
CA PRO A 128 -33.43 -13.54 0.55
C PRO A 128 -33.26 -15.01 0.14
N SER A 129 -33.75 -15.36 -1.04
CA SER A 129 -33.65 -16.74 -1.53
C SER A 129 -32.24 -17.08 -2.02
N SER A 130 -31.50 -16.08 -2.48
CA SER A 130 -30.18 -16.33 -3.04
C SER A 130 -29.22 -16.80 -1.97
N ASP A 131 -28.39 -17.77 -2.32
CA ASP A 131 -27.42 -18.36 -1.40
C ASP A 131 -26.03 -17.75 -1.56
N GLY A 132 -25.91 -16.77 -2.45
CA GLY A 132 -24.66 -16.03 -2.61
C GLY A 132 -24.21 -15.86 -4.04
N ILE A 133 -22.90 -15.70 -4.20
CA ILE A 133 -22.27 -15.40 -5.48
C ILE A 133 -21.18 -16.42 -5.78
N VAL A 134 -21.09 -16.83 -7.05
CA VAL A 134 -19.97 -17.62 -7.52
C VAL A 134 -19.17 -16.79 -8.52
N LEU A 135 -17.91 -16.56 -8.20
CA LEU A 135 -17.04 -15.83 -9.10
C LEU A 135 -16.42 -16.77 -10.12
N ILE A 136 -16.59 -16.44 -11.39
CA ILE A 136 -16.06 -17.23 -12.49
C ILE A 136 -14.84 -16.56 -13.11
N TYR A 137 -13.73 -17.29 -13.13
CA TYR A 137 -12.51 -16.83 -13.80
C TYR A 137 -12.04 -17.89 -14.79
N HIS A 138 -11.15 -17.50 -15.70
CA HIS A 138 -10.72 -18.38 -16.78
C HIS A 138 -9.23 -18.25 -17.03
N GLU A 139 -8.49 -19.31 -16.71
CA GLU A 139 -7.04 -19.33 -16.92
C GLU A 139 -6.47 -20.74 -16.73
N GLU A 140 -5.30 -20.97 -17.33
CA GLU A 140 -4.66 -22.28 -17.24
C GLU A 140 -3.88 -22.42 -15.94
N ARG A 141 -3.24 -21.33 -15.51
CA ARG A 141 -2.51 -21.30 -14.26
C ARG A 141 -3.27 -20.50 -13.22
N LYS A 142 -3.68 -21.17 -12.15
CA LYS A 142 -4.46 -20.54 -11.09
C LYS A 142 -3.69 -19.37 -10.48
N PHE A 143 -4.33 -18.21 -10.45
CA PHE A 143 -3.66 -16.98 -10.07
C PHE A 143 -4.65 -15.95 -9.53
N ILE A 144 -5.72 -15.73 -10.30
CA ILE A 144 -6.71 -14.71 -10.00
C ILE A 144 -7.32 -14.86 -8.60
N PRO A 145 -7.83 -16.07 -8.28
CA PRO A 145 -8.46 -16.19 -6.97
C PRO A 145 -7.48 -15.90 -5.83
N TYR A 146 -6.24 -16.35 -5.99
CA TYR A 146 -5.21 -16.16 -4.98
C TYR A 146 -4.93 -14.67 -4.74
N MET A 147 -4.76 -13.91 -5.82
CA MET A 147 -4.47 -12.49 -5.71
C MET A 147 -5.59 -11.73 -5.02
N ILE A 148 -6.83 -11.95 -5.45
CA ILE A 148 -7.98 -11.25 -4.87
C ILE A 148 -8.12 -11.54 -3.39
N LEU A 149 -7.81 -12.77 -2.99
CA LEU A 149 -7.89 -13.15 -1.58
C LEU A 149 -6.79 -12.49 -0.78
N GLU A 150 -5.57 -12.54 -1.30
CA GLU A 150 -4.42 -11.96 -0.62
C GLU A 150 -4.62 -10.45 -0.38
N SER A 151 -5.25 -9.77 -1.33
CA SER A 151 -5.55 -8.36 -1.18
C SER A 151 -6.61 -8.13 -0.10
N LEU A 152 -7.65 -8.96 -0.10
CA LEU A 152 -8.70 -8.87 0.89
C LEU A 152 -8.16 -9.17 2.28
N LYS A 153 -7.19 -10.07 2.34
CA LYS A 153 -6.54 -10.47 3.58
C LYS A 153 -5.76 -9.31 4.22
N LYS A 154 -5.07 -8.54 3.38
CA LYS A 154 -4.26 -7.42 3.84
C LYS A 154 -5.03 -6.43 4.72
N TYR A 155 -6.35 -6.38 4.55
CA TYR A 155 -7.17 -5.36 5.20
C TYR A 155 -8.26 -5.96 6.08
N GLY A 156 -8.19 -7.26 6.32
CA GLY A 156 -9.18 -7.95 7.14
C GLY A 156 -10.57 -7.96 6.53
N LEU A 157 -10.66 -7.74 5.23
CA LEU A 157 -11.95 -7.67 4.54
C LEU A 157 -12.42 -9.04 4.05
N LEU A 158 -11.67 -10.08 4.38
CA LEU A 158 -11.94 -11.41 3.86
C LEU A 158 -13.19 -12.02 4.50
N GLU A 159 -13.40 -11.73 5.78
CA GLU A 159 -14.60 -12.19 6.49
C GLU A 159 -15.85 -11.61 5.87
N ARG A 160 -15.78 -10.33 5.52
CA ARG A 160 -16.90 -9.62 4.90
C ARG A 160 -17.13 -10.11 3.47
N PHE A 161 -16.04 -10.51 2.81
CA PHE A 161 -16.12 -10.99 1.44
C PHE A 161 -16.94 -12.27 1.36
N THR A 162 -16.72 -13.16 2.31
CA THR A 162 -17.37 -14.47 2.30
C THR A 162 -18.87 -14.41 2.64
N ALA A 163 -19.37 -13.22 2.95
CA ALA A 163 -20.80 -13.03 3.18
C ALA A 163 -21.55 -13.02 1.84
N SER A 164 -20.93 -12.46 0.81
CA SER A 164 -21.55 -12.35 -0.51
C SER A 164 -21.07 -13.46 -1.44
N VAL A 165 -19.78 -13.77 -1.35
CA VAL A 165 -19.17 -14.73 -2.27
C VAL A 165 -18.93 -16.04 -1.56
N LYS A 166 -19.24 -17.14 -2.23
CA LYS A 166 -19.16 -18.46 -1.63
C LYS A 166 -18.16 -19.35 -2.35
N SER A 167 -17.79 -18.96 -3.57
CA SER A 167 -16.89 -19.79 -4.36
C SER A 167 -16.20 -19.08 -5.51
N PHE A 168 -14.97 -19.51 -5.78
CA PHE A 168 -14.26 -19.19 -7.01
C PHE A 168 -14.34 -20.43 -7.89
N ALA A 169 -14.53 -20.24 -9.19
CA ALA A 169 -14.61 -21.36 -10.11
C ALA A 169 -13.87 -21.08 -11.40
N ASN A 170 -12.93 -21.96 -11.74
CA ASN A 170 -12.20 -21.85 -13.00
C ASN A 170 -12.98 -22.53 -14.13
N SER A 171 -13.40 -21.72 -15.10
CA SER A 171 -14.27 -22.19 -16.16
C SER A 171 -13.51 -22.79 -17.34
N ILE A 172 -12.19 -22.78 -17.26
CA ILE A 172 -11.36 -23.37 -18.31
C ILE A 172 -11.63 -24.86 -18.43
N ASN A 173 -12.11 -25.46 -17.33
CA ASN A 173 -12.41 -26.88 -17.28
C ASN A 173 -13.47 -27.28 -18.30
N LEU A 174 -14.44 -26.40 -18.53
CA LEU A 174 -15.47 -26.66 -19.52
C LEU A 174 -14.90 -26.81 -20.92
N ALA A 175 -13.91 -25.97 -21.24
CA ALA A 175 -13.30 -25.96 -22.57
C ALA A 175 -12.63 -27.30 -22.88
N LYS A 176 -11.95 -27.85 -21.88
CA LYS A 176 -11.27 -29.13 -22.06
C LYS A 176 -12.27 -30.24 -22.36
N ALA A 177 -13.40 -30.22 -21.67
CA ALA A 177 -14.43 -31.23 -21.83
C ALA A 177 -15.22 -31.02 -23.12
N SER A 178 -15.67 -29.79 -23.35
CA SER A 178 -16.51 -29.47 -24.50
C SER A 178 -15.74 -29.58 -25.82
N ILE A 179 -14.41 -29.49 -25.74
CA ILE A 179 -13.56 -29.54 -26.91
C ILE A 179 -12.37 -30.48 -26.68
N ASN A 186 -2.94 -25.34 -24.92
CA ASN A 186 -4.03 -25.31 -23.95
C ASN A 186 -5.20 -24.49 -24.47
N TYR A 187 -6.23 -24.35 -23.63
CA TYR A 187 -7.43 -23.60 -23.99
C TYR A 187 -7.45 -22.23 -23.30
N SER A 188 -6.60 -21.32 -23.77
CA SER A 188 -6.56 -19.97 -23.21
C SER A 188 -7.83 -19.20 -23.58
N LEU A 189 -8.14 -18.18 -22.79
CA LEU A 189 -9.36 -17.41 -22.98
C LEU A 189 -9.31 -16.63 -24.30
N ARG A 190 -8.11 -16.42 -24.82
CA ARG A 190 -7.94 -15.77 -26.12
C ARG A 190 -8.17 -16.79 -27.22
N LYS A 191 -7.63 -17.99 -27.02
CA LYS A 191 -7.79 -19.08 -27.99
C LYS A 191 -9.25 -19.47 -28.09
N LEU A 192 -9.95 -19.45 -26.96
CA LEU A 192 -11.37 -19.80 -26.92
C LEU A 192 -12.23 -18.72 -27.55
N SER A 193 -11.83 -17.46 -27.34
CA SER A 193 -12.56 -16.33 -27.93
C SER A 193 -12.60 -16.46 -29.45
N LYS A 194 -11.54 -17.00 -30.03
CA LYS A 194 -11.42 -17.11 -31.48
C LYS A 194 -12.16 -18.33 -32.00
N ILE A 195 -12.14 -19.42 -31.23
CA ILE A 195 -12.81 -20.65 -31.62
C ILE A 195 -14.33 -20.47 -31.57
N LEU A 196 -14.79 -19.70 -30.60
CA LEU A 196 -16.22 -19.49 -30.40
C LEU A 196 -16.73 -18.26 -31.15
N SER A 197 -15.84 -17.61 -31.89
CA SER A 197 -16.19 -16.42 -32.68
C SER A 197 -16.67 -15.28 -31.78
N LEU A 198 -16.16 -15.24 -30.56
CA LEU A 198 -16.48 -14.16 -29.62
C LEU A 198 -15.58 -12.94 -29.86
N ASP A 199 -14.48 -13.16 -30.58
CA ASP A 199 -13.58 -12.07 -30.94
C ASP A 199 -14.27 -11.13 -31.92
N ASP A 201 -12.05 -7.92 -33.99
CA ASP A 201 -12.56 -7.39 -32.73
C ASP A 201 -12.01 -6.01 -32.45
N SER A 202 -12.77 -5.23 -31.68
CA SER A 202 -12.33 -3.93 -31.20
C SER A 202 -11.98 -4.01 -29.72
N LEU A 203 -12.54 -5.01 -29.05
CA LEU A 203 -12.31 -5.23 -27.64
C LEU A 203 -10.91 -5.78 -27.39
N PHE A 204 -10.15 -5.09 -26.54
CA PHE A 204 -8.79 -5.49 -26.22
C PHE A 204 -8.78 -6.36 -24.98
N ASP A 205 -8.40 -7.63 -25.15
CA ASP A 205 -8.49 -8.61 -24.08
C ASP A 205 -7.36 -8.46 -23.06
N GLY A 206 -6.63 -7.35 -23.14
CA GLY A 206 -5.64 -7.03 -22.12
C GLY A 206 -6.25 -6.22 -21.00
N ASN A 207 -7.51 -5.82 -21.19
CA ASN A 207 -8.28 -5.10 -20.18
C ASN A 207 -9.13 -6.10 -19.39
N ALA A 208 -9.08 -6.00 -18.07
CA ALA A 208 -9.75 -6.95 -17.19
C ALA A 208 -11.26 -7.01 -17.44
N SER A 209 -11.87 -5.85 -17.63
CA SER A 209 -13.31 -5.77 -17.87
C SER A 209 -13.72 -6.58 -19.10
N VAL A 210 -12.86 -6.59 -20.11
CA VAL A 210 -13.11 -7.38 -21.31
C VAL A 210 -13.03 -8.87 -21.00
N ARG A 211 -11.99 -9.28 -20.28
CA ARG A 211 -11.79 -10.70 -19.97
C ARG A 211 -12.84 -11.23 -19.03
N ALA A 212 -13.37 -10.35 -18.17
CA ALA A 212 -14.44 -10.72 -17.25
C ALA A 212 -15.67 -11.11 -18.04
N LYS A 213 -16.03 -10.25 -18.99
CA LYS A 213 -17.19 -10.49 -19.84
C LYS A 213 -16.98 -11.72 -20.72
N LEU A 214 -15.75 -11.91 -21.18
CA LEU A 214 -15.45 -13.03 -22.07
C LEU A 214 -15.45 -14.36 -21.34
N ALA A 215 -14.94 -14.36 -20.10
CA ALA A 215 -14.97 -15.56 -19.28
C ALA A 215 -16.40 -16.04 -19.10
N PHE A 216 -17.28 -15.07 -18.80
CA PHE A 216 -18.69 -15.35 -18.59
C PHE A 216 -19.36 -15.87 -19.86
N ASP A 217 -19.13 -15.20 -20.99
CA ASP A 217 -19.80 -15.54 -22.23
C ASP A 217 -19.29 -16.86 -22.82
N VAL A 218 -18.00 -17.13 -22.67
CA VAL A 218 -17.44 -18.40 -23.13
C VAL A 218 -18.14 -19.56 -22.43
N ALA A 219 -18.14 -19.52 -21.10
CA ALA A 219 -18.73 -20.59 -20.31
C ALA A 219 -20.21 -20.76 -20.62
N LEU A 220 -20.91 -19.63 -20.75
CA LEU A 220 -22.35 -19.64 -21.01
C LEU A 220 -22.67 -20.34 -22.33
N GLN A 221 -21.88 -20.08 -23.37
CA GLN A 221 -22.11 -20.69 -24.67
C GLN A 221 -21.87 -22.19 -24.64
N LEU A 222 -20.76 -22.59 -24.03
CA LEU A 222 -20.40 -24.00 -23.97
C LEU A 222 -21.39 -24.80 -23.13
N SER A 223 -21.92 -24.18 -22.07
CA SER A 223 -22.82 -24.86 -21.16
C SER A 223 -24.18 -25.07 -21.83
N ASN A 224 -24.49 -24.22 -22.79
CA ASN A 224 -25.75 -24.31 -23.54
C ASN A 224 -25.54 -24.83 -24.96
N SER A 225 -24.29 -24.91 -25.39
CA SER A 225 -23.93 -25.49 -26.68
C SER A 225 -24.70 -24.87 -27.84
N SER A 234 -33.28 -17.15 -18.50
CA SER A 234 -33.49 -17.95 -17.30
C SER A 234 -32.90 -19.35 -17.45
N GLU A 235 -33.45 -20.11 -18.40
CA GLU A 235 -33.00 -21.48 -18.65
C GLU A 235 -31.52 -21.52 -19.03
N ALA A 236 -31.02 -20.44 -19.61
CA ALA A 236 -29.63 -20.37 -20.05
C ALA A 236 -28.67 -20.36 -18.87
N LEU A 237 -29.00 -19.62 -17.82
CA LEU A 237 -28.13 -19.52 -16.66
C LEU A 237 -28.13 -20.79 -15.82
N GLU A 238 -29.25 -21.51 -15.83
CA GLU A 238 -29.35 -22.77 -15.10
C GLU A 238 -28.34 -23.79 -15.65
N ASN A 239 -28.25 -23.86 -16.97
CA ASN A 239 -27.28 -24.74 -17.62
C ASN A 239 -25.85 -24.35 -17.28
N MET A 240 -25.61 -23.05 -17.23
CA MET A 240 -24.28 -22.50 -16.93
C MET A 240 -23.83 -22.92 -15.53
N PHE A 241 -24.70 -22.75 -14.55
CA PHE A 241 -24.37 -23.12 -13.18
C PHE A 241 -24.11 -24.61 -13.06
N ASN A 242 -25.03 -25.42 -13.60
CA ASN A 242 -24.89 -26.88 -13.58
C ASN A 242 -23.56 -27.35 -14.18
N ALA A 243 -23.00 -26.54 -15.08
CA ALA A 243 -21.77 -26.91 -15.76
C ALA A 243 -20.53 -26.58 -14.94
N ILE A 244 -20.52 -25.44 -14.28
CA ILE A 244 -19.34 -24.99 -13.53
C ILE A 244 -19.26 -25.57 -12.12
N ARG A 245 -20.40 -26.01 -11.59
CA ARG A 245 -20.51 -26.45 -10.20
C ARG A 245 -19.42 -27.45 -9.79
N PRO A 246 -19.14 -28.45 -10.64
CA PRO A 246 -18.13 -29.45 -10.25
C PRO A 246 -16.74 -28.85 -10.01
N PHE A 247 -16.44 -27.72 -10.63
CA PHE A 247 -15.13 -27.08 -10.49
C PHE A 247 -15.17 -25.90 -9.53
N ALA A 248 -16.36 -25.60 -9.00
CA ALA A 248 -16.52 -24.50 -8.07
C ALA A 248 -15.93 -24.86 -6.71
N LYS A 249 -14.83 -24.18 -6.36
CA LYS A 249 -14.16 -24.40 -5.09
C LYS A 249 -14.68 -23.46 -4.01
N LEU A 250 -14.93 -24.00 -2.82
CA LEU A 250 -15.29 -23.16 -1.69
C LEU A 250 -14.16 -22.20 -1.35
N VAL A 251 -14.51 -21.00 -0.90
CA VAL A 251 -13.53 -19.98 -0.56
C VAL A 251 -12.46 -20.51 0.38
N VAL A 252 -12.89 -21.23 1.43
CA VAL A 252 -11.98 -21.81 2.40
C VAL A 252 -10.91 -22.65 1.71
N SER A 253 -11.32 -23.48 0.76
CA SER A 253 -10.40 -24.34 0.04
C SER A 253 -9.28 -23.55 -0.63
N ASP A 254 -9.63 -22.41 -1.21
CA ASP A 254 -8.66 -21.58 -1.92
C ASP A 254 -7.77 -20.79 -0.97
N VAL A 255 -8.29 -20.45 0.20
CA VAL A 255 -7.49 -19.79 1.23
C VAL A 255 -6.44 -20.77 1.76
N LEU A 256 -6.82 -22.03 1.90
CA LEU A 256 -5.87 -23.06 2.32
C LEU A 256 -4.81 -23.28 1.23
N GLU A 257 -5.24 -23.23 -0.03
CA GLU A 257 -4.31 -23.39 -1.15
C GLU A 257 -3.39 -22.18 -1.25
N LEU A 258 -3.94 -20.99 -1.02
CA LEU A 258 -3.16 -19.77 -1.03
C LEU A 258 -1.99 -19.85 -0.06
N ASP A 259 -2.27 -20.28 1.16
CA ASP A 259 -1.24 -20.39 2.19
C ASP A 259 -0.14 -21.36 1.74
N ILE A 260 -0.53 -22.41 1.02
CA ILE A 260 0.43 -23.37 0.49
C ILE A 260 1.25 -22.73 -0.63
N GLN A 261 0.59 -21.93 -1.47
CA GLN A 261 1.27 -21.27 -2.56
C GLN A 261 2.27 -20.26 -2.04
N ILE A 262 1.86 -19.53 -0.99
CA ILE A 262 2.73 -18.56 -0.35
C ILE A 262 3.94 -19.26 0.27
N GLU A 263 3.68 -20.34 0.99
CA GLU A 263 4.75 -21.11 1.63
C GLU A 263 5.70 -21.67 0.59
N ASN A 264 5.14 -22.23 -0.49
CA ASN A 264 5.94 -22.80 -1.56
C ASN A 264 6.78 -21.73 -2.24
N LEU A 265 6.23 -20.52 -2.32
CA LEU A 265 6.93 -19.39 -2.94
C LEU A 265 8.11 -18.97 -2.07
N GLU A 266 7.89 -18.82 -0.77
CA GLU A 266 8.93 -18.38 0.15
C GLU A 266 10.03 -19.42 0.29
N ARG A 267 9.67 -20.69 0.08
CA ARG A 267 10.65 -21.76 0.03
C ARG A 267 11.40 -21.67 -1.29
N GLN A 268 10.66 -21.36 -2.35
CA GLN A 268 11.24 -21.20 -3.68
C GLN A 268 12.05 -19.91 -3.77
N ASN A 269 11.82 -19.01 -2.84
CA ASN A 269 12.53 -17.73 -2.81
C ASN A 269 13.79 -17.85 -1.95
N SER A 270 14.80 -18.53 -2.50
CA SER A 270 16.07 -18.75 -1.81
C SER A 270 17.24 -18.47 -2.74
N PHE A 271 18.38 -18.11 -2.15
CA PHE A 271 19.61 -17.89 -2.91
C PHE A 271 20.45 -19.16 -2.97
N ARG A 272 19.96 -20.22 -2.33
CA ARG A 272 20.65 -21.51 -2.31
C ARG A 272 21.11 -21.97 -3.69
N PRO A 273 20.24 -21.84 -4.72
CA PRO A 273 20.70 -22.34 -6.02
C PRO A 273 21.84 -21.51 -6.63
N VAL A 274 21.91 -20.23 -6.28
CA VAL A 274 22.92 -19.33 -6.83
C VAL A 274 24.30 -19.58 -6.20
N PHE A 275 24.30 -20.02 -4.94
CA PHE A 275 25.53 -20.25 -4.19
C PHE A 275 25.81 -21.74 -3.98
N LEU A 276 25.44 -22.58 -4.94
CA LEU A 276 25.66 -24.02 -4.79
C LEU A 276 27.13 -24.38 -4.89
N ASN A 277 27.86 -23.73 -5.79
CA ASN A 277 29.27 -24.05 -6.01
C ASN A 277 30.16 -23.54 -4.88
N TYR A 278 29.63 -22.61 -4.09
CA TYR A 278 30.39 -22.03 -2.99
C TYR A 278 30.62 -23.01 -1.83
N PHE A 279 29.68 -23.94 -1.65
CA PHE A 279 29.72 -24.82 -0.49
C PHE A 279 30.62 -26.05 -0.69
N LYS A 280 30.84 -26.41 -1.95
CA LYS A 280 31.65 -27.58 -2.26
C LYS A 280 33.15 -27.32 -2.08
N THR A 281 33.59 -26.09 -2.33
CA THR A 281 35.03 -25.79 -2.40
C THR A 281 35.70 -25.74 -1.02
N THR A 282 35.47 -24.67 -0.27
CA THR A 282 36.13 -24.45 1.03
C THR A 282 35.25 -23.69 2.03
N LEU A 283 35.79 -23.51 3.24
CA LEU A 283 35.11 -22.76 4.29
C LEU A 283 35.08 -21.27 3.99
N TYR A 284 36.15 -20.77 3.37
CA TYR A 284 36.23 -19.36 3.02
C TYR A 284 35.05 -18.95 2.14
N HIS A 285 34.79 -19.75 1.12
CA HIS A 285 33.64 -19.51 0.23
C HIS A 285 32.33 -19.76 0.96
N ARG A 286 32.33 -20.76 1.83
CA ARG A 286 31.15 -21.09 2.63
C ARG A 286 30.68 -19.88 3.42
N VAL A 287 31.60 -19.26 4.16
CA VAL A 287 31.27 -18.11 5.00
C VAL A 287 30.83 -16.93 4.15
N ARG A 288 31.58 -16.66 3.08
CA ARG A 288 31.28 -15.54 2.20
C ARG A 288 29.96 -15.73 1.46
N ALA A 289 29.62 -16.99 1.17
CA ALA A 289 28.35 -17.31 0.55
C ALA A 289 27.21 -16.87 1.45
N VAL A 290 27.24 -17.30 2.71
CA VAL A 290 26.23 -16.91 3.68
C VAL A 290 26.25 -15.40 3.89
N LYS A 291 27.44 -14.84 3.95
CA LYS A 291 27.60 -13.39 4.11
C LYS A 291 26.87 -12.64 3.00
N PHE A 292 27.04 -13.09 1.76
CA PHE A 292 26.35 -12.48 0.63
C PHE A 292 24.84 -12.64 0.72
N ARG A 293 24.37 -13.84 1.03
CA ARG A 293 22.93 -14.09 1.15
C ARG A 293 22.32 -13.22 2.23
N ILE A 294 23.13 -12.83 3.21
CA ILE A 294 22.66 -12.00 4.31
C ILE A 294 22.50 -10.54 3.85
N VAL A 295 23.56 -9.97 3.30
CA VAL A 295 23.54 -8.58 2.85
C VAL A 295 22.35 -8.29 1.94
N LEU A 296 22.11 -9.19 0.99
CA LEU A 296 21.01 -9.02 0.05
C LEU A 296 19.66 -8.98 0.75
N ALA A 297 19.48 -9.85 1.75
CA ALA A 297 18.22 -9.92 2.48
C ALA A 297 17.95 -8.65 3.30
N GLU A 298 19.00 -8.09 3.88
CA GLU A 298 18.86 -6.89 4.70
C GLU A 298 18.37 -5.69 3.90
N ASN A 299 18.57 -5.76 2.59
CA ASN A 299 18.20 -4.66 1.69
C ASN A 299 16.95 -4.97 0.89
N GLY A 300 16.22 -6.00 1.33
CA GLY A 300 14.99 -6.39 0.65
C GLY A 300 15.22 -6.79 -0.79
N PHE A 301 16.31 -7.51 -1.03
CA PHE A 301 16.63 -8.02 -2.37
C PHE A 301 16.45 -9.53 -2.43
N ASP A 302 15.39 -9.97 -3.10
CA ASP A 302 15.15 -11.38 -3.35
C ASP A 302 15.75 -11.78 -4.69
N LEU A 303 15.77 -13.07 -4.97
CA LEU A 303 16.27 -13.55 -6.25
C LEU A 303 15.31 -13.14 -7.37
N ASN A 304 14.01 -13.20 -7.10
CA ASN A 304 13.03 -12.82 -8.10
C ASN A 304 13.09 -11.33 -8.39
N THR A 305 13.38 -10.55 -7.36
CA THR A 305 13.55 -9.11 -7.52
C THR A 305 14.77 -8.83 -8.39
N LEU A 306 15.91 -9.43 -8.05
CA LEU A 306 17.13 -9.22 -8.80
C LEU A 306 17.07 -9.85 -10.18
N SER A 307 16.40 -11.00 -10.28
CA SER A 307 16.23 -11.66 -11.57
C SER A 307 15.43 -10.75 -12.50
N ALA A 308 14.41 -10.11 -11.96
CA ALA A 308 13.54 -9.23 -12.73
C ALA A 308 14.28 -8.00 -13.24
N ILE A 309 15.12 -7.42 -12.37
CA ILE A 309 15.84 -6.18 -12.72
C ILE A 309 16.78 -6.40 -13.89
N TRP A 310 17.51 -7.51 -13.90
CA TRP A 310 18.39 -7.81 -15.01
C TRP A 310 17.60 -7.96 -16.32
N ALA A 311 16.47 -8.66 -16.26
CA ALA A 311 15.71 -8.91 -17.48
C ALA A 311 15.13 -7.61 -18.04
N GLU A 312 14.63 -6.72 -17.17
CA GLU A 312 14.08 -5.45 -17.63
C GLU A 312 15.19 -4.44 -17.93
N GLU A 316 22.47 -5.47 -16.60
CA GLU A 316 23.42 -4.41 -16.28
C GLU A 316 22.87 -3.49 -15.20
N GLY A 317 21.54 -3.46 -15.07
CA GLY A 317 20.89 -2.68 -14.04
C GLY A 317 21.27 -3.15 -12.64
N LEU A 318 21.69 -4.41 -12.55
CA LEU A 318 22.16 -5.00 -11.30
C LEU A 318 23.20 -4.13 -10.62
N ASP A 319 24.11 -3.58 -11.42
CA ASP A 319 25.20 -2.74 -10.91
C ASP A 319 24.67 -1.64 -10.00
N ILE A 320 23.61 -0.97 -10.43
CA ILE A 320 23.00 0.09 -9.63
C ILE A 320 22.36 -0.51 -8.38
N ALA A 321 21.71 -1.66 -8.54
CA ALA A 321 21.06 -2.33 -7.44
C ALA A 321 22.07 -2.76 -6.39
N LEU A 322 23.22 -3.26 -6.85
CA LEU A 322 24.28 -3.72 -5.96
C LEU A 322 25.08 -2.56 -5.39
N GLN A 323 25.15 -1.46 -6.12
CA GLN A 323 25.89 -0.29 -5.66
C GLN A 323 25.19 0.35 -4.47
N SER A 324 23.86 0.40 -4.52
CA SER A 324 23.08 1.02 -3.47
C SER A 324 23.09 0.19 -2.18
N ILE A 325 23.63 -1.02 -2.24
CA ILE A 325 23.70 -1.88 -1.06
C ILE A 325 24.73 -1.35 -0.08
N GLY A 326 24.31 -1.23 1.18
CA GLY A 326 25.20 -0.81 2.24
C GLY A 326 25.95 -2.00 2.83
N ARG A 327 27.09 -1.73 3.46
CA ARG A 327 27.91 -2.76 4.10
C ARG A 327 28.35 -3.83 3.12
N LEU A 328 28.41 -3.47 1.84
CA LEU A 328 28.98 -4.34 0.81
C LEU A 328 30.21 -3.66 0.21
N LYS A 329 31.35 -4.32 0.29
CA LYS A 329 32.60 -3.74 -0.18
C LYS A 329 32.71 -3.83 -1.69
N SER A 330 33.52 -2.96 -2.27
CA SER A 330 33.63 -2.84 -3.72
C SER A 330 34.05 -4.13 -4.40
N LYS A 331 35.10 -4.76 -3.87
CA LYS A 331 35.64 -5.98 -4.47
C LYS A 331 34.63 -7.11 -4.40
N ASP A 332 33.83 -7.12 -3.34
CA ASP A 332 32.82 -8.15 -3.15
C ASP A 332 31.68 -8.00 -4.16
N LYS A 333 31.36 -6.74 -4.48
CA LYS A 333 30.29 -6.44 -5.42
C LYS A 333 30.58 -7.02 -6.79
N ALA A 334 31.82 -6.85 -7.25
CA ALA A 334 32.23 -7.33 -8.56
C ALA A 334 31.97 -8.83 -8.69
N GLU A 335 32.23 -9.55 -7.61
CA GLU A 335 32.00 -10.99 -7.57
C GLU A 335 30.51 -11.30 -7.68
N LEU A 336 29.70 -10.57 -6.93
CA LEU A 336 28.26 -10.78 -6.93
C LEU A 336 27.65 -10.54 -8.31
N LEU A 337 28.07 -9.46 -8.96
CA LEU A 337 27.59 -9.14 -10.30
C LEU A 337 27.94 -10.27 -11.27
N GLU A 338 29.21 -10.70 -11.21
CA GLU A 338 29.69 -11.79 -12.04
C GLU A 338 28.84 -13.03 -11.83
N LEU A 339 28.50 -13.30 -10.57
CA LEU A 339 27.72 -14.48 -10.23
C LEU A 339 26.26 -14.34 -10.64
N LEU A 340 25.72 -13.13 -10.50
CA LEU A 340 24.30 -12.88 -10.80
C LEU A 340 24.03 -12.69 -12.28
N ASP A 341 25.02 -12.17 -13.02
CA ASP A 341 24.90 -12.07 -14.48
C ASP A 341 24.89 -13.48 -15.04
N SER A 342 25.79 -14.33 -14.53
CA SER A 342 25.71 -15.76 -14.78
C SER A 342 24.44 -16.29 -14.13
N TYR A 343 24.12 -17.56 -14.37
CA TYR A 343 22.91 -18.15 -13.82
C TYR A 343 21.67 -17.68 -14.58
N PHE A 344 21.88 -16.82 -15.59
CA PHE A 344 20.79 -16.28 -16.41
C PHE A 344 20.96 -16.67 -17.88
N LEU B 28 -8.60 14.68 30.05
CA LEU B 28 -8.09 13.32 30.24
C LEU B 28 -8.15 12.91 31.71
N PRO B 29 -8.79 11.77 32.02
CA PRO B 29 -8.82 11.32 33.41
C PRO B 29 -7.47 10.76 33.86
N ALA B 30 -7.21 10.78 35.17
CA ALA B 30 -5.93 10.34 35.71
C ALA B 30 -5.84 8.81 35.71
N GLY B 31 -4.66 8.30 36.03
CA GLY B 31 -4.43 6.86 36.09
C GLY B 31 -2.99 6.51 35.81
N ASN B 32 -2.75 5.23 35.53
CA ASN B 32 -1.41 4.74 35.22
C ASN B 32 -1.23 4.57 33.71
N TYR B 33 -0.77 5.62 33.04
CA TYR B 33 -0.61 5.62 31.60
C TYR B 33 0.85 5.43 31.19
N ILE B 34 1.07 4.84 30.02
CA ILE B 34 2.40 4.71 29.44
C ILE B 34 2.71 5.91 28.54
N LEU B 35 3.96 6.39 28.57
CA LEU B 35 4.36 7.52 27.74
C LEU B 35 5.26 7.08 26.60
N VAL B 36 4.90 7.54 25.40
CA VAL B 36 5.62 7.20 24.18
C VAL B 36 5.71 8.43 23.30
N GLY B 37 6.93 8.80 22.90
CA GLY B 37 7.12 9.91 22.00
C GLY B 37 6.92 9.44 20.57
N VAL B 38 6.16 10.21 19.78
CA VAL B 38 5.92 9.86 18.38
C VAL B 38 6.17 11.03 17.44
N ASP B 39 6.56 10.69 16.21
CA ASP B 39 6.72 11.67 15.15
C ASP B 39 6.75 10.89 13.84
N ILE B 40 6.54 11.59 12.72
CA ILE B 40 6.48 10.95 11.42
C ILE B 40 7.19 11.74 10.33
N ASP B 41 7.84 11.03 9.43
CA ASP B 41 8.38 11.62 8.22
C ASP B 41 7.35 11.46 7.11
N THR B 42 7.18 12.50 6.30
CA THR B 42 6.13 12.51 5.29
C THR B 42 6.60 13.09 3.96
N THR B 43 5.78 12.93 2.93
CA THR B 43 6.08 13.44 1.60
C THR B 43 5.69 14.92 1.48
N GLY B 44 4.97 15.41 2.49
CA GLY B 44 4.51 16.79 2.49
C GLY B 44 3.82 17.11 3.80
N ARG B 45 3.41 18.36 3.96
CA ARG B 45 2.81 18.83 5.21
C ARG B 45 1.30 18.96 5.11
N ARG B 46 0.71 18.33 4.09
CA ARG B 46 -0.73 18.36 3.88
C ARG B 46 -1.35 17.04 4.33
N LEU B 47 -2.63 17.06 4.64
CA LEU B 47 -3.32 15.85 5.09
C LEU B 47 -3.43 14.82 3.97
N MET B 48 -3.45 15.30 2.72
CA MET B 48 -3.54 14.41 1.57
C MET B 48 -2.20 13.77 1.22
N ASP B 49 -1.15 14.13 1.96
CA ASP B 49 0.17 13.56 1.73
C ASP B 49 0.31 12.23 2.47
N GLU B 50 1.49 11.62 2.39
CA GLU B 50 1.71 10.26 2.86
C GLU B 50 2.77 10.17 3.95
N ILE B 51 2.76 9.06 4.69
CA ILE B 51 3.76 8.80 5.72
C ILE B 51 4.90 7.96 5.15
N VAL B 52 6.13 8.44 5.33
CA VAL B 52 7.33 7.76 4.85
C VAL B 52 8.01 7.03 6.00
N GLN B 53 7.91 7.58 7.20
CA GLN B 53 8.38 6.90 8.40
C GLN B 53 7.47 7.14 9.58
N LEU B 54 7.32 6.10 10.38
CA LEU B 54 6.54 6.15 11.61
C LEU B 54 7.45 5.69 12.73
N ALA B 55 7.65 6.55 13.72
CA ALA B 55 8.60 6.28 14.78
C ALA B 55 8.01 6.54 16.16
N ALA B 56 8.33 5.65 17.10
CA ALA B 56 7.90 5.78 18.48
C ALA B 56 9.06 5.44 19.42
N TYR B 57 9.13 6.12 20.56
CA TYR B 57 10.24 5.92 21.49
C TYR B 57 9.83 5.87 22.96
N THR B 58 10.51 5.00 23.71
CA THR B 58 10.50 5.00 25.16
C THR B 58 11.91 4.67 25.62
N PRO B 59 12.25 4.98 26.87
CA PRO B 59 13.63 4.69 27.32
C PRO B 59 13.93 3.20 27.34
N THR B 60 12.88 2.37 27.40
CA THR B 60 13.04 0.93 27.47
C THR B 60 12.86 0.25 26.11
N ASP B 61 12.09 0.88 25.22
CA ASP B 61 11.80 0.29 23.92
C ASP B 61 11.56 1.36 22.85
N HIS B 62 11.93 1.05 21.61
CA HIS B 62 11.76 1.98 20.50
C HIS B 62 11.30 1.26 19.24
N PHE B 63 10.48 1.95 18.45
CA PHE B 63 9.93 1.40 17.22
C PHE B 63 10.08 2.39 16.07
N GLU B 64 10.57 1.91 14.93
CA GLU B 64 10.60 2.72 13.72
C GLU B 64 10.47 1.84 12.47
N GLN B 65 9.73 2.34 11.48
CA GLN B 65 9.54 1.62 10.23
C GLN B 65 9.37 2.60 9.08
N TYR B 66 10.17 2.41 8.03
CA TYR B 66 10.01 3.19 6.81
C TYR B 66 8.92 2.59 5.94
N ILE B 67 8.19 3.47 5.27
CA ILE B 67 7.01 3.09 4.50
C ILE B 67 7.14 3.56 3.05
N MET B 68 6.77 2.71 2.11
CA MET B 68 6.84 3.05 0.70
C MET B 68 5.62 3.88 0.30
N PRO B 69 5.84 5.12 -0.17
CA PRO B 69 4.70 5.96 -0.57
C PRO B 69 4.25 5.76 -2.01
N TYR B 70 3.01 6.13 -2.29
CA TYR B 70 2.48 6.12 -3.66
C TYR B 70 3.26 7.06 -4.56
N MET B 71 3.42 8.29 -4.09
CA MET B 71 4.12 9.33 -4.85
C MET B 71 5.60 9.37 -4.50
N ASN B 72 6.36 10.17 -5.24
CA ASN B 72 7.75 10.46 -4.90
C ASN B 72 7.80 11.70 -4.01
N LEU B 73 8.91 11.87 -3.29
CA LEU B 73 9.06 13.00 -2.39
C LEU B 73 9.41 14.28 -3.15
N ASN B 74 8.70 15.36 -2.83
CA ASN B 74 8.98 16.66 -3.42
C ASN B 74 10.33 17.19 -2.94
N PRO B 75 10.84 18.27 -3.56
CA PRO B 75 12.15 18.79 -3.17
C PRO B 75 12.25 19.19 -1.69
N ALA B 76 11.17 19.72 -1.14
CA ALA B 76 11.15 20.13 0.26
C ALA B 76 11.16 18.92 1.19
N ALA B 77 10.63 17.81 0.74
CA ALA B 77 10.56 16.59 1.55
C ALA B 77 11.90 15.87 1.57
N ARG B 78 12.58 15.84 0.42
CA ARG B 78 13.90 15.23 0.32
C ARG B 78 14.92 16.03 1.12
N GLN B 79 14.71 17.34 1.19
CA GLN B 79 15.60 18.24 1.93
C GLN B 79 15.48 18.01 3.43
N ARG B 80 14.26 17.78 3.89
CA ARG B 80 13.98 17.69 5.32
C ARG B 80 14.39 16.35 5.92
N HIS B 81 14.09 15.26 5.21
CA HIS B 81 14.28 13.91 5.75
C HIS B 81 15.51 13.23 5.17
N GLN B 82 16.10 13.82 4.12
CA GLN B 82 17.28 13.26 3.47
C GLN B 82 17.03 11.80 3.05
N VAL B 83 15.88 11.58 2.45
CA VAL B 83 15.51 10.27 1.89
C VAL B 83 14.77 10.53 0.58
N ARG B 84 15.04 9.70 -0.42
CA ARG B 84 14.39 9.84 -1.71
C ARG B 84 14.00 8.47 -2.25
N VAL B 85 13.03 8.47 -3.16
CA VAL B 85 12.67 7.26 -3.89
C VAL B 85 13.48 7.23 -5.18
N ILE B 86 14.03 6.08 -5.50
CA ILE B 86 14.69 5.87 -6.78
C ILE B 86 14.03 4.70 -7.49
N SER B 87 14.16 4.68 -8.81
CA SER B 87 13.58 3.63 -9.62
C SER B 87 14.64 2.88 -10.41
N ILE B 88 14.68 1.57 -10.21
CA ILE B 88 15.45 0.69 -11.06
C ILE B 88 14.45 -0.13 -11.87
N GLY B 89 13.98 0.47 -12.97
CA GLY B 89 12.95 -0.14 -13.78
C GLY B 89 11.61 -0.14 -13.07
N PHE B 90 11.06 -1.32 -12.87
CA PHE B 90 9.77 -1.48 -12.20
C PHE B 90 9.89 -1.28 -10.70
N TYR B 91 11.11 -1.41 -10.18
CA TYR B 91 11.35 -1.51 -8.75
C TYR B 91 11.64 -0.14 -8.13
N ARG B 92 10.77 0.28 -7.22
CA ARG B 92 10.96 1.50 -6.45
C ARG B 92 11.52 1.16 -5.07
N MET B 93 12.42 2.01 -4.58
CA MET B 93 13.06 1.78 -3.28
C MET B 93 13.41 3.10 -2.61
N LEU B 94 13.40 3.11 -1.28
CA LEU B 94 13.86 4.24 -0.52
C LEU B 94 15.38 4.23 -0.39
N LYS B 95 15.98 5.39 -0.53
CA LYS B 95 17.43 5.54 -0.45
C LYS B 95 17.80 6.70 0.46
N SER B 96 18.63 6.44 1.46
CA SER B 96 19.09 7.48 2.38
C SER B 96 20.12 8.38 1.72
N MET B 97 19.86 9.68 1.70
CA MET B 97 20.77 10.65 1.11
C MET B 97 22.03 10.84 1.99
N GLN B 98 21.95 10.40 3.24
CA GLN B 98 23.09 10.46 4.14
C GLN B 98 24.14 9.43 3.75
N THR B 99 23.70 8.17 3.71
CA THR B 99 24.61 7.05 3.48
C THR B 99 24.60 6.59 2.01
N TYR B 100 23.64 7.08 1.24
CA TYR B 100 23.48 6.70 -0.17
C TYR B 100 23.17 5.21 -0.31
N LYS B 101 22.66 4.61 0.76
CA LYS B 101 22.32 3.19 0.76
C LYS B 101 20.81 2.97 0.83
N ILE B 102 20.41 1.74 0.55
CA ILE B 102 19.01 1.38 0.50
C ILE B 102 18.37 1.32 1.88
N ILE B 103 17.19 1.91 1.99
CA ILE B 103 16.36 1.76 3.18
C ILE B 103 15.31 0.69 2.93
N LYS B 104 15.33 -0.37 3.73
CA LYS B 104 14.29 -1.40 3.66
C LYS B 104 12.97 -0.78 4.13
N SER B 105 11.88 -1.14 3.46
CA SER B 105 10.58 -0.55 3.76
C SER B 105 9.43 -1.52 3.59
N LYS B 106 8.28 -1.13 4.15
CA LYS B 106 7.06 -1.93 4.08
C LYS B 106 5.94 -1.08 3.48
N SER B 107 4.79 -1.70 3.26
CA SER B 107 3.59 -0.95 2.90
C SER B 107 3.12 -0.17 4.13
N GLU B 108 2.19 0.75 3.94
CA GLU B 108 1.65 1.51 5.04
C GLU B 108 0.84 0.61 5.98
N ILE B 109 0.01 -0.25 5.40
CA ILE B 109 -0.82 -1.16 6.20
C ILE B 109 0.06 -2.13 6.99
N ALA B 110 1.13 -2.59 6.37
CA ALA B 110 2.02 -3.56 7.01
C ALA B 110 2.73 -2.93 8.19
N ALA B 111 3.11 -1.66 8.06
CA ALA B 111 3.84 -0.96 9.11
C ALA B 111 2.93 -0.61 10.28
N LEU B 112 1.67 -0.30 9.98
CA LEU B 112 0.71 0.07 11.03
C LEU B 112 0.37 -1.12 11.90
N LYS B 113 0.26 -2.31 11.31
CA LYS B 113 0.06 -3.52 12.07
C LYS B 113 1.25 -3.74 13.00
N ASP B 114 2.45 -3.59 12.46
CA ASP B 114 3.68 -3.71 13.25
C ASP B 114 3.68 -2.67 14.36
N PHE B 115 3.18 -1.48 14.05
CA PHE B 115 3.07 -0.40 15.03
C PHE B 115 2.05 -0.79 16.09
N LEU B 116 0.89 -1.29 15.66
CA LEU B 116 -0.17 -1.66 16.59
C LEU B 116 0.24 -2.85 17.46
N ASN B 117 0.99 -3.79 16.89
CA ASN B 117 1.48 -4.92 17.68
C ASN B 117 2.48 -4.45 18.72
N TRP B 118 3.27 -3.46 18.36
CA TRP B 118 4.29 -2.91 19.25
C TRP B 118 3.64 -2.16 20.42
N LEU B 119 2.61 -1.38 20.12
CA LEU B 119 1.91 -0.62 21.16
C LEU B 119 1.25 -1.54 22.18
N GLU B 120 0.67 -2.64 21.70
CA GLU B 120 -0.02 -3.58 22.57
C GLU B 120 0.93 -4.26 23.55
N GLN B 121 2.15 -4.52 23.09
CA GLN B 121 3.17 -5.13 23.94
C GLN B 121 3.53 -4.20 25.09
N LEU B 122 3.54 -2.91 24.80
CA LEU B 122 3.87 -1.90 25.80
C LEU B 122 2.85 -1.92 26.94
N LYS B 123 1.57 -1.90 26.58
CA LYS B 123 0.48 -1.94 27.56
C LYS B 123 0.48 -3.26 28.33
N THR B 124 0.73 -4.35 27.60
CA THR B 124 0.76 -5.68 28.20
C THR B 124 1.89 -5.79 29.22
N LYS B 125 3.03 -5.18 28.90
CA LYS B 125 4.20 -5.25 29.78
C LYS B 125 3.96 -4.48 31.08
N ALA B 126 3.04 -3.53 31.06
CA ALA B 126 2.75 -2.71 32.23
C ALA B 126 1.73 -3.40 33.16
N GLY B 127 1.06 -4.43 32.63
CA GLY B 127 0.11 -5.19 33.40
C GLY B 127 -1.31 -4.65 33.29
N PRO B 128 -2.27 -5.31 33.95
CA PRO B 128 -3.68 -4.87 33.96
C PRO B 128 -3.88 -3.48 34.55
N SER B 129 -2.92 -3.02 35.35
CA SER B 129 -3.01 -1.72 35.99
C SER B 129 -2.97 -0.58 34.97
N SER B 130 -2.22 -0.79 33.89
CA SER B 130 -2.06 0.24 32.87
C SER B 130 -3.40 0.56 32.19
N ASP B 131 -3.70 1.86 32.11
CA ASP B 131 -4.94 2.33 31.54
C ASP B 131 -4.73 2.88 30.13
N GLY B 132 -3.68 2.42 29.45
CA GLY B 132 -3.44 2.77 28.06
C GLY B 132 -2.09 3.43 27.79
N ILE B 133 -2.02 4.17 26.70
CA ILE B 133 -0.80 4.86 26.27
C ILE B 133 -1.11 6.31 25.90
N VAL B 134 -0.19 7.21 26.21
CA VAL B 134 -0.31 8.61 25.84
C VAL B 134 0.83 9.01 24.91
N LEU B 135 0.49 9.30 23.65
CA LEU B 135 1.48 9.63 22.63
C LEU B 135 1.88 11.10 22.68
N ILE B 136 3.17 11.36 22.81
CA ILE B 136 3.69 12.71 22.99
C ILE B 136 4.45 13.17 21.75
N TYR B 137 3.98 14.28 21.15
CA TYR B 137 4.59 14.84 19.96
C TYR B 137 4.92 16.32 20.18
N HIS B 138 5.77 16.86 19.32
CA HIS B 138 6.34 18.19 19.52
C HIS B 138 6.42 18.98 18.21
N GLU B 139 5.42 19.83 17.95
CA GLU B 139 5.40 20.64 16.75
C GLU B 139 4.52 21.88 16.92
N GLU B 140 4.81 22.93 16.15
CA GLU B 140 4.09 24.18 16.26
C GLU B 140 2.65 24.06 15.74
N ARG B 141 2.48 23.46 14.58
CA ARG B 141 1.15 23.24 14.00
C ARG B 141 0.74 21.77 14.17
N LYS B 142 -0.46 21.56 14.71
CA LYS B 142 -0.97 20.21 14.93
C LYS B 142 -1.15 19.49 13.60
N PHE B 143 -0.45 18.36 13.46
CA PHE B 143 -0.36 17.68 12.17
C PHE B 143 -0.12 16.19 12.34
N ILE B 144 0.86 15.85 13.17
CA ILE B 144 1.26 14.47 13.40
C ILE B 144 0.08 13.57 13.78
N PRO B 145 -0.68 13.93 14.83
CA PRO B 145 -1.77 13.04 15.24
C PRO B 145 -2.84 12.86 14.17
N TYR B 146 -3.11 13.92 13.39
CA TYR B 146 -4.12 13.86 12.35
C TYR B 146 -3.73 12.85 11.26
N MET B 147 -2.45 12.85 10.90
CA MET B 147 -1.96 11.98 9.84
C MET B 147 -2.05 10.51 10.24
N ILE B 148 -1.62 10.20 11.46
CA ILE B 148 -1.65 8.84 11.95
C ILE B 148 -3.08 8.33 12.05
N LEU B 149 -3.96 9.16 12.60
CA LEU B 149 -5.36 8.79 12.75
C LEU B 149 -6.05 8.64 11.40
N GLU B 150 -5.67 9.48 10.45
CA GLU B 150 -6.24 9.44 9.12
C GLU B 150 -5.87 8.14 8.40
N SER B 151 -4.70 7.61 8.73
CA SER B 151 -4.23 6.36 8.15
C SER B 151 -4.84 5.15 8.84
N LEU B 152 -5.16 5.29 10.12
CA LEU B 152 -5.81 4.23 10.87
C LEU B 152 -7.27 4.12 10.45
N LYS B 153 -7.91 5.27 10.26
CA LYS B 153 -9.29 5.32 9.79
C LYS B 153 -9.36 4.89 8.33
N LYS B 154 -8.22 4.91 7.65
CA LYS B 154 -8.14 4.51 6.26
C LYS B 154 -8.35 3.01 6.12
N TYR B 155 -7.65 2.25 6.95
CA TYR B 155 -7.67 0.79 6.89
C TYR B 155 -8.61 0.19 7.95
N GLY B 156 -9.39 1.04 8.60
CA GLY B 156 -10.30 0.57 9.64
C GLY B 156 -9.59 -0.06 10.82
N LEU B 157 -8.56 0.62 11.32
CA LEU B 157 -7.77 0.13 12.45
C LEU B 157 -7.89 1.04 13.65
N LEU B 158 -8.90 1.91 13.64
CA LEU B 158 -9.05 2.90 14.69
C LEU B 158 -9.49 2.27 16.00
N GLU B 159 -10.41 1.31 15.92
CA GLU B 159 -10.95 0.65 17.11
C GLU B 159 -9.85 -0.07 17.90
N ARG B 160 -8.98 -0.77 17.19
CA ARG B 160 -7.89 -1.51 17.81
C ARG B 160 -6.89 -0.55 18.43
N PHE B 161 -6.70 0.59 17.77
CA PHE B 161 -5.79 1.62 18.24
C PHE B 161 -6.30 2.25 19.55
N THR B 162 -7.61 2.41 19.66
CA THR B 162 -8.21 2.99 20.85
C THR B 162 -7.96 2.13 22.08
N ALA B 163 -7.78 0.83 21.88
CA ALA B 163 -7.59 -0.11 22.98
C ALA B 163 -6.26 0.12 23.69
N SER B 164 -5.24 0.48 22.91
CA SER B 164 -3.89 0.65 23.43
C SER B 164 -3.59 2.13 23.74
N VAL B 165 -3.94 3.01 22.80
CA VAL B 165 -3.70 4.44 22.95
C VAL B 165 -4.99 5.16 23.33
N LYS B 166 -4.89 6.06 24.30
CA LYS B 166 -6.06 6.74 24.86
C LYS B 166 -6.00 8.25 24.62
N SER B 167 -4.84 8.77 24.25
CA SER B 167 -4.69 10.20 24.06
C SER B 167 -3.45 10.59 23.26
N PHE B 168 -3.58 11.70 22.52
CA PHE B 168 -2.45 12.41 21.95
C PHE B 168 -2.19 13.66 22.78
N ALA B 169 -0.93 14.04 22.94
CA ALA B 169 -0.58 15.22 23.72
C ALA B 169 0.61 15.96 23.14
N ASN B 170 0.37 17.21 22.72
CA ASN B 170 1.44 18.05 22.22
C ASN B 170 2.29 18.58 23.38
N SER B 171 3.60 18.43 23.27
CA SER B 171 4.52 18.80 24.36
C SER B 171 5.16 20.16 24.13
N ILE B 172 4.90 20.77 22.97
CA ILE B 172 5.43 22.09 22.67
C ILE B 172 4.92 23.10 23.68
N ASN B 173 3.76 22.81 24.27
CA ASN B 173 3.15 23.71 25.23
C ASN B 173 3.99 23.91 26.49
N LEU B 174 4.64 22.84 26.96
CA LEU B 174 5.44 22.92 28.17
C LEU B 174 6.63 23.87 27.97
N ALA B 175 7.18 23.86 26.77
CA ALA B 175 8.28 24.78 26.43
C ALA B 175 7.84 26.22 26.63
N LYS B 176 6.71 26.58 26.01
CA LYS B 176 6.16 27.92 26.14
C LYS B 176 5.80 28.24 27.58
N ALA B 177 5.30 27.24 28.30
CA ALA B 177 4.93 27.41 29.70
C ALA B 177 6.16 27.64 30.56
N SER B 178 7.24 26.93 30.23
CA SER B 178 8.48 27.01 30.99
C SER B 178 9.57 27.72 30.21
N ILE B 179 9.26 28.92 29.72
CA ILE B 179 10.23 29.76 29.02
C ILE B 179 9.63 31.13 28.76
N LYS B 185 4.93 27.71 20.10
CA LYS B 185 5.09 28.76 19.11
C LYS B 185 6.51 29.31 19.14
N ASN B 186 7.23 29.16 18.03
CA ASN B 186 8.61 29.62 17.91
C ASN B 186 9.53 28.92 18.92
N TYR B 187 9.14 27.72 19.33
CA TYR B 187 9.98 26.88 20.20
C TYR B 187 10.32 25.57 19.50
N SER B 188 10.94 25.67 18.32
CA SER B 188 11.27 24.50 17.50
C SER B 188 11.95 23.40 18.31
N LEU B 189 11.64 22.15 17.98
CA LEU B 189 12.25 21.02 18.66
C LEU B 189 13.77 21.03 18.50
N ARG B 190 14.25 21.72 17.48
CA ARG B 190 15.69 21.83 17.23
C ARG B 190 16.33 22.86 18.16
N LYS B 191 15.63 23.94 18.44
CA LYS B 191 16.15 25.00 19.29
C LYS B 191 16.28 24.53 20.74
N LEU B 192 15.25 23.85 21.22
CA LEU B 192 15.25 23.31 22.58
C LEU B 192 16.38 22.30 22.78
N SER B 193 16.66 21.53 21.74
CA SER B 193 17.72 20.53 21.79
C SER B 193 19.07 21.16 22.11
N LYS B 194 19.33 22.33 21.50
CA LYS B 194 20.59 23.03 21.72
C LYS B 194 20.68 23.55 23.15
N ILE B 195 19.54 23.96 23.70
CA ILE B 195 19.48 24.50 25.06
C ILE B 195 19.85 23.44 26.09
N LEU B 196 19.35 22.22 25.88
CA LEU B 196 19.57 21.12 26.83
C LEU B 196 20.75 20.24 26.41
N SER B 197 21.49 20.67 25.40
CA SER B 197 22.68 19.98 24.93
C SER B 197 22.37 18.56 24.42
N LEU B 198 21.11 18.28 24.14
CA LEU B 198 20.73 16.98 23.60
C LEU B 198 21.13 16.87 22.13
N ASP B 199 21.22 18.01 21.46
CA ASP B 199 21.69 18.08 20.08
C ASP B 199 23.02 17.36 19.90
N ALA B 200 23.15 16.63 18.79
CA ALA B 200 24.38 15.94 18.45
C ALA B 200 24.58 15.94 16.94
N ASP B 201 25.83 16.12 16.52
CA ASP B 201 26.16 16.08 15.10
C ASP B 201 25.88 14.70 14.53
N SER B 202 25.95 13.70 15.40
CA SER B 202 25.66 12.33 15.01
C SER B 202 24.18 12.11 14.73
N LEU B 203 23.32 12.86 15.42
CA LEU B 203 21.88 12.72 15.30
C LEU B 203 21.28 13.76 14.35
N PHE B 204 20.59 13.28 13.32
CA PHE B 204 19.93 14.14 12.35
C PHE B 204 18.44 14.29 12.68
N ASP B 205 18.03 15.53 12.92
CA ASP B 205 16.67 15.80 13.39
C ASP B 205 15.62 15.65 12.30
N GLY B 206 16.05 15.27 11.10
CA GLY B 206 15.12 15.02 10.00
C GLY B 206 14.55 13.62 10.09
N ASN B 207 15.24 12.74 10.80
CA ASN B 207 14.77 11.39 11.05
C ASN B 207 13.72 11.39 12.17
N ALA B 208 12.62 10.70 11.93
CA ALA B 208 11.50 10.70 12.87
C ALA B 208 11.86 10.02 14.18
N SER B 209 12.79 9.07 14.14
CA SER B 209 13.18 8.34 15.34
C SER B 209 13.94 9.24 16.30
N VAL B 210 14.67 10.19 15.75
CA VAL B 210 15.41 11.17 16.54
C VAL B 210 14.45 12.16 17.20
N ARG B 211 13.46 12.61 16.43
CA ARG B 211 12.48 13.58 16.94
C ARG B 211 11.56 12.96 17.99
N ALA B 212 11.26 11.67 17.83
CA ALA B 212 10.43 10.96 18.79
C ALA B 212 11.14 10.87 20.13
N LYS B 213 12.45 10.63 20.08
CA LYS B 213 13.26 10.55 21.28
C LYS B 213 13.45 11.92 21.90
N LEU B 214 13.73 12.91 21.06
CA LEU B 214 13.94 14.27 21.54
C LEU B 214 12.66 14.86 22.12
N ALA B 215 11.52 14.51 21.53
CA ALA B 215 10.23 14.94 22.07
C ALA B 215 10.09 14.43 23.50
N PHE B 216 10.51 13.19 23.71
CA PHE B 216 10.43 12.55 25.01
C PHE B 216 11.42 13.15 26.00
N ASP B 217 12.69 13.22 25.60
CA ASP B 217 13.76 13.71 26.47
C ASP B 217 13.51 15.15 26.90
N VAL B 218 13.08 15.99 25.96
CA VAL B 218 12.79 17.38 26.26
C VAL B 218 11.63 17.47 27.24
N ALA B 219 10.62 16.62 27.03
CA ALA B 219 9.44 16.61 27.88
C ALA B 219 9.75 16.01 29.26
N LEU B 220 10.86 15.29 29.34
CA LEU B 220 11.26 14.62 30.58
C LEU B 220 12.00 15.57 31.52
N GLN B 221 12.94 16.32 30.96
CA GLN B 221 13.80 17.20 31.75
C GLN B 221 13.10 18.49 32.13
N LEU B 222 12.15 18.92 31.31
CA LEU B 222 11.40 20.15 31.58
C LEU B 222 10.26 19.89 32.56
N SER B 223 9.65 18.71 32.46
CA SER B 223 8.59 18.32 33.40
C SER B 223 9.18 18.19 34.80
N ASN B 224 10.42 17.70 34.86
CA ASN B 224 11.14 17.60 36.12
C ASN B 224 11.74 18.93 36.54
N SER B 225 12.29 19.65 35.55
CA SER B 225 12.91 20.94 35.79
C SER B 225 12.57 21.92 34.67
N SER B 233 14.12 8.23 38.81
CA SER B 233 13.89 7.32 37.70
C SER B 233 12.40 7.03 37.52
N SER B 234 11.89 6.09 38.30
CA SER B 234 10.46 5.80 38.31
C SER B 234 9.71 7.05 38.74
N GLU B 235 10.21 7.68 39.80
CA GLU B 235 9.62 8.89 40.35
C GLU B 235 9.60 10.02 39.32
N ALA B 236 10.67 10.12 38.54
CA ALA B 236 10.79 11.17 37.53
C ALA B 236 9.69 11.05 36.48
N LEU B 237 9.38 9.82 36.10
CA LEU B 237 8.32 9.60 35.13
C LEU B 237 6.98 10.05 35.71
N GLU B 238 6.74 9.74 36.98
CA GLU B 238 5.50 10.14 37.65
C GLU B 238 5.25 11.63 37.44
N ASN B 239 6.30 12.41 37.59
CA ASN B 239 6.21 13.86 37.42
C ASN B 239 5.86 14.21 35.98
N MET B 240 6.28 13.36 35.04
CA MET B 240 6.09 13.63 33.63
C MET B 240 4.62 13.51 33.21
N PHE B 241 3.93 12.48 33.70
CA PHE B 241 2.51 12.30 33.38
C PHE B 241 1.73 13.52 33.85
N ASN B 242 1.97 13.93 35.09
CA ASN B 242 1.23 15.04 35.69
C ASN B 242 1.44 16.35 34.94
N ALA B 243 2.64 16.53 34.38
CA ALA B 243 2.96 17.73 33.63
C ALA B 243 2.35 17.70 32.24
N ILE B 244 2.07 16.50 31.73
CA ILE B 244 1.54 16.33 30.38
C ILE B 244 0.01 16.21 30.38
N ARG B 245 -0.56 15.94 31.55
CA ARG B 245 -2.01 15.80 31.68
C ARG B 245 -2.81 17.00 31.15
N PRO B 246 -2.38 18.24 31.48
CA PRO B 246 -3.16 19.42 31.09
C PRO B 246 -3.39 19.51 29.59
N PHE B 247 -2.37 19.15 28.81
CA PHE B 247 -2.43 19.27 27.36
C PHE B 247 -2.89 17.97 26.69
N ALA B 248 -3.20 16.97 27.51
CA ALA B 248 -3.67 15.70 26.98
C ALA B 248 -5.08 15.82 26.41
N LYS B 249 -5.26 15.30 25.20
CA LYS B 249 -6.54 15.30 24.52
C LYS B 249 -6.96 13.88 24.19
N LEU B 250 -8.25 13.57 24.41
CA LEU B 250 -8.79 12.26 24.10
C LEU B 250 -8.72 12.00 22.59
N VAL B 251 -8.50 10.75 22.21
CA VAL B 251 -8.39 10.39 20.79
C VAL B 251 -9.64 10.82 20.03
N VAL B 252 -10.80 10.63 20.65
CA VAL B 252 -12.07 10.98 20.03
C VAL B 252 -12.13 12.46 19.67
N SER B 253 -11.51 13.31 20.50
CA SER B 253 -11.47 14.74 20.25
C SER B 253 -10.73 15.04 18.94
N ASP B 254 -9.64 14.33 18.69
CA ASP B 254 -8.85 14.53 17.48
C ASP B 254 -9.56 13.97 16.25
N VAL B 255 -10.15 12.79 16.40
CA VAL B 255 -10.90 12.15 15.31
C VAL B 255 -12.02 13.09 14.84
N LEU B 256 -12.57 13.86 15.77
CA LEU B 256 -13.58 14.86 15.45
C LEU B 256 -12.94 16.02 14.69
N GLU B 257 -11.85 16.55 15.24
CA GLU B 257 -11.14 17.67 14.63
C GLU B 257 -10.48 17.27 13.31
N LEU B 258 -10.34 15.96 13.10
CA LEU B 258 -9.78 15.45 11.85
C LEU B 258 -10.78 15.61 10.72
N ASP B 259 -12.03 15.22 10.97
CA ASP B 259 -13.07 15.25 9.96
C ASP B 259 -13.32 16.67 9.46
N ILE B 260 -13.31 17.63 10.38
CA ILE B 260 -13.53 19.03 10.03
C ILE B 260 -12.33 19.57 9.25
N GLN B 261 -11.15 19.02 9.55
CA GLN B 261 -9.93 19.43 8.88
C GLN B 261 -9.83 18.77 7.50
N ILE B 262 -10.50 17.64 7.34
CA ILE B 262 -10.50 16.91 6.08
C ILE B 262 -11.56 17.48 5.14
N PHE B 275 -9.26 31.31 -9.90
CA PHE B 275 -10.08 31.94 -10.92
C PHE B 275 -11.07 32.92 -10.29
N LEU B 276 -10.53 34.00 -9.73
CA LEU B 276 -11.35 34.97 -9.00
C LEU B 276 -12.13 35.89 -9.95
N ASN B 277 -11.45 36.42 -10.95
CA ASN B 277 -12.03 37.39 -11.87
C ASN B 277 -13.22 36.84 -12.65
N TYR B 278 -13.29 35.52 -12.77
CA TYR B 278 -14.30 34.88 -13.61
C TYR B 278 -15.67 34.81 -12.94
N PHE B 279 -15.69 34.98 -11.62
CA PHE B 279 -16.93 34.82 -10.84
C PHE B 279 -17.83 36.05 -10.91
N LYS B 280 -17.33 37.14 -11.47
CA LYS B 280 -18.06 38.40 -11.52
C LYS B 280 -18.65 38.68 -12.90
N THR B 281 -17.98 38.20 -13.94
CA THR B 281 -18.34 38.52 -15.31
C THR B 281 -19.73 37.98 -15.68
N THR B 282 -19.82 36.68 -15.91
CA THR B 282 -21.07 36.05 -16.36
C THR B 282 -21.20 34.62 -15.86
N LEU B 283 -22.26 33.94 -16.30
CA LEU B 283 -22.57 32.58 -15.83
C LEU B 283 -21.63 31.55 -16.44
N TYR B 284 -21.39 31.66 -17.74
CA TYR B 284 -20.48 30.76 -18.46
C TYR B 284 -19.11 30.75 -17.80
N HIS B 285 -18.65 31.92 -17.37
CA HIS B 285 -17.38 32.07 -16.69
C HIS B 285 -17.45 31.58 -15.23
N ARG B 286 -18.59 31.82 -14.60
CA ARG B 286 -18.77 31.49 -13.19
C ARG B 286 -18.75 29.98 -12.96
N VAL B 287 -19.41 29.23 -13.82
CA VAL B 287 -19.48 27.78 -13.67
C VAL B 287 -18.11 27.15 -13.86
N ARG B 288 -17.31 27.71 -14.75
CA ARG B 288 -15.99 27.17 -15.06
C ARG B 288 -14.97 27.49 -13.97
N ALA B 289 -15.08 28.67 -13.36
CA ALA B 289 -14.15 29.07 -12.30
C ALA B 289 -14.29 28.18 -11.08
N VAL B 290 -15.53 27.86 -10.71
CA VAL B 290 -15.80 26.95 -9.61
C VAL B 290 -15.24 25.57 -9.94
N LYS B 291 -15.31 25.21 -11.22
CA LYS B 291 -14.73 23.97 -11.71
C LYS B 291 -13.20 24.03 -11.61
N PHE B 292 -12.64 25.20 -11.87
CA PHE B 292 -11.19 25.40 -11.80
C PHE B 292 -10.71 25.37 -10.36
N ARG B 293 -11.50 25.94 -9.45
CA ARG B 293 -11.12 26.00 -8.05
C ARG B 293 -11.23 24.63 -7.38
N ILE B 294 -12.21 23.83 -7.81
CA ILE B 294 -12.41 22.50 -7.27
C ILE B 294 -11.37 21.53 -7.80
N VAL B 295 -11.12 21.58 -9.10
CA VAL B 295 -10.17 20.68 -9.75
C VAL B 295 -8.74 20.89 -9.27
N LEU B 296 -8.38 22.15 -9.01
CA LEU B 296 -7.05 22.47 -8.52
C LEU B 296 -6.88 22.05 -7.05
N ALA B 297 -7.93 22.27 -6.26
CA ALA B 297 -7.89 21.97 -4.83
C ALA B 297 -7.78 20.47 -4.56
N GLU B 298 -8.41 19.65 -5.39
CA GLU B 298 -8.43 18.21 -5.16
C GLU B 298 -7.05 17.57 -5.38
N ASN B 299 -6.27 18.16 -6.29
CA ASN B 299 -4.99 17.58 -6.67
C ASN B 299 -3.83 18.10 -5.83
N GLY B 300 -4.15 19.01 -4.90
CA GLY B 300 -3.18 19.51 -3.94
C GLY B 300 -2.61 20.87 -4.27
N PHE B 301 -3.38 21.68 -4.99
CA PHE B 301 -2.97 23.04 -5.31
C PHE B 301 -3.85 24.06 -4.59
N GLY B 317 6.05 21.87 -17.89
CA GLY B 317 5.39 20.93 -17.00
C GLY B 317 3.92 21.26 -16.81
N LEU B 318 3.60 22.55 -16.89
CA LEU B 318 2.22 23.01 -16.77
C LEU B 318 1.36 22.51 -17.93
N ASP B 319 1.94 22.55 -19.14
CA ASP B 319 1.24 22.12 -20.34
C ASP B 319 1.12 20.60 -20.39
N ILE B 320 2.15 19.91 -19.94
CA ILE B 320 2.20 18.44 -20.01
C ILE B 320 1.12 17.79 -19.15
N ALA B 321 0.86 18.37 -17.97
CA ALA B 321 -0.13 17.82 -17.05
C ALA B 321 -1.53 17.84 -17.66
N LEU B 322 -1.86 18.94 -18.33
CA LEU B 322 -3.18 19.10 -18.94
C LEU B 322 -3.36 18.19 -20.15
N GLN B 323 -2.29 17.99 -20.92
CA GLN B 323 -2.33 17.16 -22.12
C GLN B 323 -2.65 15.71 -21.75
N LYS B 329 -8.83 25.11 -24.87
CA LYS B 329 -9.66 24.59 -23.78
C LYS B 329 -8.96 24.78 -22.44
N SER B 330 -8.17 23.79 -22.03
CA SER B 330 -7.46 23.86 -20.76
C SER B 330 -6.28 24.83 -20.84
N LYS B 331 -6.02 25.34 -22.03
CA LYS B 331 -4.97 26.34 -22.23
C LYS B 331 -5.33 27.65 -21.56
N ASP B 332 -6.63 27.96 -21.53
CA ASP B 332 -7.10 29.17 -20.87
C ASP B 332 -6.76 29.11 -19.39
N LYS B 333 -6.89 27.91 -18.82
CA LYS B 333 -6.46 27.70 -17.45
C LYS B 333 -4.95 27.90 -17.39
N ALA B 334 -4.25 27.43 -18.42
CA ALA B 334 -2.79 27.57 -18.46
C ALA B 334 -2.40 29.04 -18.67
N GLU B 335 -3.13 29.75 -19.52
CA GLU B 335 -2.90 31.18 -19.73
C GLU B 335 -3.25 31.97 -18.47
N LEU B 336 -4.37 31.62 -17.87
CA LEU B 336 -4.78 32.18 -16.58
C LEU B 336 -3.82 31.74 -15.48
N LEU B 337 -3.25 30.54 -15.62
CA LEU B 337 -2.21 30.10 -14.71
C LEU B 337 -0.88 30.72 -15.11
N GLU B 338 -0.74 31.04 -16.40
CA GLU B 338 0.44 31.75 -16.86
C GLU B 338 0.36 33.16 -16.35
N LEU B 339 -0.87 33.65 -16.22
CA LEU B 339 -1.12 34.94 -15.60
C LEU B 339 -0.88 34.83 -14.11
N LEU B 340 -0.07 35.74 -13.57
CA LEU B 340 0.26 35.74 -12.15
C LEU B 340 1.05 36.99 -11.80
#